data_7X5G
#
_entry.id   7X5G
#
_cell.length_a   246.022
_cell.length_b   55.018
_cell.length_c   86.152
_cell.angle_alpha   90.000
_cell.angle_beta   97.300
_cell.angle_gamma   90.000
#
_symmetry.space_group_name_H-M   'C 1 2 1'
#
loop_
_entity.id
_entity.type
_entity.pdbx_description
1 polymer 'Transcription factor MafG'
2 polymer 'Nuclear factor erythroid 2-related factor 2'
3 polymer "DNA (5'-D(*GP*CP*TP*GP*CP*TP*GP*AP*GP*TP*CP*AP*CP*TP*GP*T)-3')"
4 polymer "DNA (5'-D(*CP*AP*CP*AP*GP*TP*GP*AP*CP*TP*CP*AP*GP*CP*AP*G)-3')"
5 non-polymer 'TETRAETHYLENE GLYCOL'
6 water water
#
loop_
_entity_poly.entity_id
_entity_poly.type
_entity_poly.pdbx_seq_one_letter_code
_entity_poly.pdbx_strand_id
1 'polypeptide(L)'
;MGTSLTDEELVTMSVRELNQHLRGLSKEEIVQLKQRRRTLKNRGYAASCRVKRVTQKEELEKQKAELQQEVEKLASENAS
MKLELDALRSKYEALQTFARTVAR
;
A,E
2 'polypeptide(L)'
;GPHMAHLTRDELRAKALHIPFPVEKIINLPVVDFNEMMSKEQFNEAQLALIRDIRRRGKNKVYAQNCRKRKLENIVELEQ
DLDHLKDEKEKLLKEKGENDKSLHLLKKQLSTL
;
B,F
3 'polydeoxyribonucleotide' (DG)(DC)(DT)(DG)(DC)(DT)(DG)(DA)(DG)(DT)(DC)(DA)(DC)(DT)(DG)(DT) C,G
4 'polydeoxyribonucleotide' (DC)(DA)(DC)(DA)(DG)(DT)(DG)(DA)(DC)(DT)(DC)(DA)(DG)(DC)(DA)(DG) D,H
#
# COMPACT_ATOMS: atom_id res chain seq x y z
N LEU A 5 -27.21 5.66 -44.34
CA LEU A 5 -27.91 5.27 -43.13
C LEU A 5 -27.24 5.88 -41.90
N THR A 6 -27.96 6.77 -41.23
CA THR A 6 -27.42 7.40 -40.03
C THR A 6 -27.39 6.40 -38.87
N ASP A 7 -26.86 6.85 -37.73
CA ASP A 7 -26.60 5.98 -36.60
C ASP A 7 -27.87 5.37 -36.03
N GLU A 8 -28.67 6.18 -35.31
CA GLU A 8 -29.82 5.66 -34.60
C GLU A 8 -30.83 4.98 -35.52
N GLU A 9 -30.86 5.39 -36.80
CA GLU A 9 -31.73 4.70 -37.76
C GLU A 9 -31.28 3.26 -37.95
N LEU A 10 -29.98 3.00 -37.93
CA LEU A 10 -29.49 1.64 -38.05
C LEU A 10 -29.68 0.86 -36.75
N VAL A 11 -29.61 1.53 -35.61
CA VAL A 11 -29.80 0.85 -34.33
C VAL A 11 -31.26 0.47 -34.12
N THR A 12 -32.17 1.40 -34.41
CA THR A 12 -33.60 1.13 -34.24
C THR A 12 -34.11 0.09 -35.24
N MET A 13 -33.39 -0.13 -36.33
CA MET A 13 -33.82 -1.07 -37.35
C MET A 13 -33.77 -2.50 -36.82
N SER A 14 -34.85 -3.24 -37.00
CA SER A 14 -34.88 -4.64 -36.61
C SER A 14 -34.05 -5.48 -37.58
N VAL A 15 -33.71 -6.69 -37.15
CA VAL A 15 -32.93 -7.59 -37.98
C VAL A 15 -33.71 -8.01 -39.23
N ARG A 16 -35.04 -7.94 -39.18
CA ARG A 16 -35.84 -8.25 -40.37
C ARG A 16 -35.81 -7.09 -41.36
N GLU A 17 -35.97 -5.85 -40.88
CA GLU A 17 -35.92 -4.70 -41.77
C GLU A 17 -34.51 -4.45 -42.28
N LEU A 18 -33.50 -4.88 -41.51
CA LEU A 18 -32.12 -4.75 -41.97
C LEU A 18 -31.91 -5.52 -43.27
N ASN A 19 -32.47 -6.73 -43.36
CA ASN A 19 -32.35 -7.52 -44.59
C ASN A 19 -33.14 -6.91 -45.75
N GLN A 20 -34.05 -5.97 -45.48
CA GLN A 20 -34.73 -5.25 -46.53
C GLN A 20 -33.88 -4.10 -47.09
N HIS A 21 -32.76 -3.77 -46.44
CA HIS A 21 -31.88 -2.71 -46.89
C HIS A 21 -30.60 -3.27 -47.51
N LEU A 22 -30.69 -4.45 -48.13
CA LEU A 22 -29.54 -5.07 -48.80
C LEU A 22 -29.56 -4.78 -50.29
N ARG A 23 -29.78 -3.51 -50.65
CA ARG A 23 -29.89 -3.10 -52.04
C ARG A 23 -28.50 -2.74 -52.57
N GLY A 24 -27.97 -3.61 -53.43
CA GLY A 24 -26.69 -3.36 -54.07
C GLY A 24 -25.47 -3.59 -53.20
N LEU A 25 -25.64 -4.11 -51.99
CA LEU A 25 -24.50 -4.38 -51.12
C LEU A 25 -23.90 -5.75 -51.40
N SER A 26 -22.58 -5.82 -51.34
CA SER A 26 -21.86 -7.06 -51.52
C SER A 26 -21.90 -7.89 -50.25
N LYS A 27 -21.36 -9.10 -50.33
CA LYS A 27 -21.35 -10.00 -49.17
C LYS A 27 -20.55 -9.40 -48.03
N GLU A 28 -19.48 -8.66 -48.34
CA GLU A 28 -18.65 -8.09 -47.29
C GLU A 28 -19.29 -6.85 -46.69
N GLU A 29 -19.79 -5.93 -47.53
CA GLU A 29 -20.42 -4.73 -47.01
C GLU A 29 -21.65 -5.06 -46.16
N ILE A 30 -22.32 -6.18 -46.45
CA ILE A 30 -23.38 -6.65 -45.56
C ILE A 30 -22.80 -7.03 -44.21
N VAL A 31 -21.61 -7.66 -44.21
CA VAL A 31 -20.97 -8.04 -42.96
C VAL A 31 -20.57 -6.80 -42.17
N GLN A 32 -19.83 -5.89 -42.81
CA GLN A 32 -19.34 -4.70 -42.10
C GLN A 32 -20.50 -3.83 -41.60
N LEU A 33 -21.61 -3.78 -42.33
CA LEU A 33 -22.77 -3.04 -41.84
C LEU A 33 -23.38 -3.72 -40.62
N LYS A 34 -23.38 -5.06 -40.60
CA LYS A 34 -23.89 -5.77 -39.44
C LYS A 34 -22.98 -5.58 -38.23
N GLN A 35 -21.67 -5.55 -38.44
CA GLN A 35 -20.76 -5.24 -37.35
C GLN A 35 -20.85 -3.77 -36.94
N ARG A 36 -21.17 -2.89 -37.90
CA ARG A 36 -21.39 -1.49 -37.55
C ARG A 36 -22.62 -1.34 -36.67
N ARG A 37 -23.69 -2.07 -36.99
CA ARG A 37 -24.88 -2.04 -36.15
C ARG A 37 -24.61 -2.65 -34.78
N ARG A 38 -23.86 -3.76 -34.74
CA ARG A 38 -23.54 -4.39 -33.46
C ARG A 38 -22.70 -3.48 -32.58
N THR A 39 -21.73 -2.78 -33.19
CA THR A 39 -20.93 -1.82 -32.43
C THR A 39 -21.80 -0.71 -31.85
N LEU A 40 -22.75 -0.20 -32.64
CA LEU A 40 -23.64 0.84 -32.15
C LEU A 40 -24.54 0.31 -31.04
N LYS A 41 -24.96 -0.95 -31.15
CA LYS A 41 -25.77 -1.55 -30.09
C LYS A 41 -24.95 -1.74 -28.82
N ASN A 42 -23.68 -2.14 -28.96
CA ASN A 42 -22.82 -2.32 -27.79
C ASN A 42 -22.55 -0.99 -27.11
N ARG A 43 -22.44 0.09 -27.89
CA ARG A 43 -22.26 1.42 -27.30
C ARG A 43 -23.48 1.81 -26.47
N GLY A 44 -24.67 1.44 -26.92
CA GLY A 44 -25.87 1.72 -26.14
C GLY A 44 -25.98 0.86 -24.90
N TYR A 45 -25.52 -0.40 -24.97
CA TYR A 45 -25.56 -1.26 -23.81
C TYR A 45 -24.64 -0.75 -22.70
N ALA A 46 -23.45 -0.27 -23.07
CA ALA A 46 -22.54 0.30 -22.08
C ALA A 46 -23.12 1.57 -21.49
N ALA A 47 -23.71 2.44 -22.33
CA ALA A 47 -24.35 3.64 -21.81
C ALA A 47 -25.54 3.28 -20.93
N SER A 48 -26.31 2.26 -21.32
CA SER A 48 -27.43 1.82 -20.49
C SER A 48 -26.94 1.26 -19.17
N CYS A 49 -25.78 0.57 -19.18
CA CYS A 49 -25.23 0.05 -17.94
C CYS A 49 -24.71 1.18 -17.06
N ARG A 50 -24.03 2.16 -17.65
CA ARG A 50 -23.50 3.28 -16.87
C ARG A 50 -24.63 4.07 -16.22
N VAL A 51 -25.72 4.30 -16.95
CA VAL A 51 -26.85 5.02 -16.38
C VAL A 51 -27.45 4.24 -15.20
N LYS A 52 -27.60 2.93 -15.36
CA LYS A 52 -28.20 2.12 -14.31
C LYS A 52 -27.38 2.19 -13.02
N ARG A 53 -26.05 2.17 -13.14
CA ARG A 53 -25.20 2.23 -11.95
C ARG A 53 -25.24 3.63 -11.32
N VAL A 54 -25.44 4.67 -12.12
CA VAL A 54 -25.45 6.02 -11.58
C VAL A 54 -26.71 6.25 -10.75
N THR A 55 -27.87 5.88 -11.28
CA THR A 55 -29.12 6.05 -10.53
C THR A 55 -29.12 5.21 -9.25
N GLN A 56 -28.53 4.02 -9.30
CA GLN A 56 -28.43 3.20 -8.10
C GLN A 56 -27.57 3.88 -7.04
N LYS A 57 -26.42 4.41 -7.46
CA LYS A 57 -25.54 5.11 -6.52
C LYS A 57 -26.21 6.36 -5.97
N GLU A 58 -26.82 7.16 -6.85
CA GLU A 58 -27.47 8.39 -6.41
C GLU A 58 -28.67 8.11 -5.52
N GLU A 59 -29.38 7.00 -5.76
CA GLU A 59 -30.52 6.67 -4.91
C GLU A 59 -30.07 6.19 -3.54
N LEU A 60 -29.05 5.32 -3.50
CA LEU A 60 -28.53 4.86 -2.22
C LEU A 60 -27.97 6.02 -1.41
N GLU A 61 -27.31 6.98 -2.08
CA GLU A 61 -26.80 8.14 -1.37
C GLU A 61 -27.93 9.04 -0.88
N LYS A 62 -29.04 9.10 -1.63
CA LYS A 62 -30.18 9.88 -1.18
C LYS A 62 -30.81 9.29 0.08
N GLN A 63 -30.93 7.96 0.13
CA GLN A 63 -31.50 7.33 1.31
C GLN A 63 -30.57 7.45 2.51
N LYS A 64 -29.25 7.39 2.27
CA LYS A 64 -28.30 7.52 3.38
C LYS A 64 -28.34 8.92 3.99
N ALA A 65 -28.41 9.95 3.14
CA ALA A 65 -28.46 11.32 3.65
C ALA A 65 -29.74 11.56 4.43
N GLU A 66 -30.87 11.04 3.94
CA GLU A 66 -32.14 11.21 4.65
C GLU A 66 -32.13 10.46 5.98
N LEU A 67 -31.62 9.24 6.00
CA LEU A 67 -31.60 8.47 7.24
C LEU A 67 -30.56 9.01 8.21
N GLN A 68 -29.47 9.59 7.71
CA GLN A 68 -28.46 10.17 8.59
C GLN A 68 -29.02 11.38 9.34
N GLN A 69 -29.77 12.24 8.64
CA GLN A 69 -30.37 13.39 9.31
C GLN A 69 -31.51 12.97 10.21
N GLU A 70 -32.21 11.88 9.87
CA GLU A 70 -33.24 11.35 10.77
C GLU A 70 -32.62 10.85 12.06
N VAL A 71 -31.52 10.09 11.96
CA VAL A 71 -30.87 9.53 13.13
C VAL A 71 -30.21 10.63 13.96
N GLU A 72 -29.59 11.62 13.29
CA GLU A 72 -28.97 12.72 14.00
C GLU A 72 -30.01 13.53 14.77
N LYS A 73 -31.16 13.80 14.13
CA LYS A 73 -32.23 14.52 14.82
C LYS A 73 -32.80 13.70 15.97
N LEU A 74 -32.96 12.40 15.76
CA LEU A 74 -33.48 11.53 16.82
C LEU A 74 -32.55 11.51 18.02
N ALA A 75 -31.24 11.37 17.77
CA ALA A 75 -30.28 11.33 18.87
C ALA A 75 -30.25 12.65 19.62
N SER A 76 -30.38 13.77 18.89
CA SER A 76 -30.34 15.09 19.53
C SER A 76 -31.54 15.30 20.43
N GLU A 77 -32.75 15.08 19.90
CA GLU A 77 -33.96 15.30 20.69
C GLU A 77 -34.08 14.32 21.84
N ASN A 78 -33.59 13.09 21.66
CA ASN A 78 -33.61 12.12 22.75
C ASN A 78 -32.74 12.59 23.92
N ALA A 79 -31.57 13.15 23.61
CA ALA A 79 -30.68 13.63 24.66
C ALA A 79 -31.28 14.82 25.39
N SER A 80 -31.99 15.68 24.67
CA SER A 80 -32.60 16.85 25.31
C SER A 80 -33.78 16.45 26.19
N MET A 81 -34.60 15.51 25.72
CA MET A 81 -35.72 15.05 26.53
C MET A 81 -35.24 14.27 27.75
N LYS A 82 -34.17 13.47 27.59
CA LYS A 82 -33.62 12.76 28.73
C LYS A 82 -33.11 13.72 29.80
N LEU A 83 -32.63 14.90 29.40
CA LEU A 83 -32.22 15.91 30.37
C LEU A 83 -33.43 16.38 31.19
N GLU A 84 -34.52 16.72 30.51
CA GLU A 84 -35.71 17.20 31.22
C GLU A 84 -36.33 16.10 32.06
N LEU A 85 -36.30 14.85 31.57
CA LEU A 85 -36.81 13.74 32.35
C LEU A 85 -35.99 13.52 33.61
N ASP A 86 -34.66 13.61 33.50
CA ASP A 86 -33.82 13.44 34.67
C ASP A 86 -34.02 14.58 35.67
N ALA A 87 -34.23 15.80 35.17
CA ALA A 87 -34.48 16.93 36.06
C ALA A 87 -35.82 16.77 36.78
N LEU A 88 -36.85 16.34 36.05
CA LEU A 88 -38.16 16.12 36.67
C LEU A 88 -38.09 15.00 37.71
N ARG A 89 -37.32 13.95 37.42
CA ARG A 89 -37.16 12.87 38.39
C ARG A 89 -36.39 13.32 39.61
N SER A 90 -35.44 14.25 39.44
CA SER A 90 -34.69 14.76 40.59
C SER A 90 -35.59 15.55 41.53
N LYS A 91 -36.44 16.42 40.97
CA LYS A 91 -37.37 17.17 41.82
C LYS A 91 -38.39 16.26 42.47
N TYR A 92 -38.84 15.23 41.75
CA TYR A 92 -39.78 14.28 42.32
C TYR A 92 -39.15 13.51 43.47
N GLU A 93 -37.89 13.08 43.31
CA GLU A 93 -37.21 12.36 44.38
C GLU A 93 -36.92 13.28 45.56
N ALA A 94 -36.52 14.52 45.30
CA ALA A 94 -36.26 15.46 46.39
C ALA A 94 -37.52 15.74 47.19
N LEU A 95 -38.66 15.90 46.50
CA LEU A 95 -39.93 16.07 47.20
C LEU A 95 -40.33 14.79 47.93
N GLN A 96 -39.87 13.63 47.44
CA GLN A 96 -40.18 12.37 48.11
C GLN A 96 -39.54 12.30 49.49
N THR A 97 -38.24 12.63 49.58
CA THR A 97 -37.56 12.55 50.86
C THR A 97 -38.11 13.58 51.85
N PHE A 98 -38.49 14.76 51.36
CA PHE A 98 -39.11 15.75 52.24
C PHE A 98 -40.46 15.26 52.74
N ALA A 99 -41.20 14.51 51.91
CA ALA A 99 -42.49 13.97 52.35
C ALA A 99 -42.30 12.93 53.45
N ARG A 100 -41.14 12.27 53.51
CA ARG A 100 -40.85 11.32 54.57
C ARG A 100 -40.42 12.00 55.87
N THR A 101 -40.39 13.33 55.89
CA THR A 101 -40.02 14.08 57.10
C THR A 101 -41.21 14.89 57.60
N VAL A 102 -42.29 14.21 57.98
CA VAL A 102 -43.51 14.86 58.45
C VAL A 102 -43.97 14.19 59.73
N ALA A 103 -44.79 14.91 60.47
CA ALA A 103 -45.32 14.41 61.73
C ALA A 103 -46.73 13.83 61.55
N LEU B 7 4.26 -14.54 -26.51
CA LEU B 7 4.72 -13.17 -26.38
C LEU B 7 3.56 -12.19 -26.59
N THR B 8 3.42 -11.23 -25.67
CA THR B 8 2.37 -10.24 -25.77
C THR B 8 2.61 -9.31 -26.96
N ARG B 9 1.55 -8.64 -27.39
CA ARG B 9 1.66 -7.68 -28.48
C ARG B 9 2.63 -6.55 -28.12
N ASP B 10 2.61 -6.11 -26.86
CA ASP B 10 3.53 -5.07 -26.42
C ASP B 10 4.98 -5.54 -26.54
N GLU B 11 5.26 -6.78 -26.13
CA GLU B 11 6.63 -7.27 -26.18
C GLU B 11 7.11 -7.43 -27.62
N LEU B 12 6.22 -7.86 -28.52
CA LEU B 12 6.60 -8.00 -29.93
C LEU B 12 6.90 -6.65 -30.55
N ARG B 13 6.09 -5.64 -30.24
CA ARG B 13 6.34 -4.30 -30.78
C ARG B 13 7.64 -3.73 -30.23
N ALA B 14 7.90 -3.93 -28.94
CA ALA B 14 9.14 -3.45 -28.35
C ALA B 14 10.36 -4.13 -28.97
N LYS B 15 10.25 -5.45 -29.21
CA LYS B 15 11.35 -6.17 -29.84
C LYS B 15 11.54 -5.71 -31.29
N ALA B 16 10.44 -5.43 -32.00
CA ALA B 16 10.54 -4.98 -33.38
C ALA B 16 11.26 -3.64 -33.48
N LEU B 17 11.11 -2.78 -32.48
CA LEU B 17 11.79 -1.49 -32.47
C LEU B 17 13.11 -1.53 -31.70
N HIS B 18 13.63 -2.74 -31.42
CA HIS B 18 14.94 -2.93 -30.82
C HIS B 18 15.07 -2.20 -29.47
N ILE B 19 14.00 -2.24 -28.68
CA ILE B 19 14.00 -1.70 -27.33
C ILE B 19 14.49 -2.81 -26.39
N PRO B 20 15.63 -2.63 -25.73
CA PRO B 20 16.21 -3.72 -24.93
C PRO B 20 15.60 -3.89 -23.55
N PHE B 21 14.55 -3.15 -23.22
CA PHE B 21 14.06 -3.30 -21.86
C PHE B 21 12.86 -4.22 -21.79
N PRO B 22 12.72 -5.00 -20.73
CA PRO B 22 11.50 -5.78 -20.53
C PRO B 22 10.29 -4.86 -20.38
N VAL B 23 9.17 -5.28 -20.96
CA VAL B 23 7.95 -4.49 -20.88
C VAL B 23 7.53 -4.30 -19.43
N GLU B 24 7.73 -5.33 -18.60
CA GLU B 24 7.37 -5.23 -17.19
C GLU B 24 8.12 -4.09 -16.51
N LYS B 25 9.40 -3.92 -16.82
CA LYS B 25 10.17 -2.84 -16.21
C LYS B 25 9.74 -1.48 -16.75
N ILE B 26 9.37 -1.41 -18.03
CA ILE B 26 8.89 -0.16 -18.60
C ILE B 26 7.63 0.31 -17.88
N ILE B 27 6.76 -0.63 -17.50
CA ILE B 27 5.50 -0.26 -16.88
C ILE B 27 5.65 -0.06 -15.39
N ASN B 28 6.32 -0.99 -14.70
CA ASN B 28 6.24 -1.08 -13.25
C ASN B 28 7.36 -0.34 -12.51
N LEU B 29 8.42 0.07 -13.18
CA LEU B 29 9.51 0.72 -12.48
C LEU B 29 9.06 2.09 -11.95
N PRO B 30 9.42 2.44 -10.71
CA PRO B 30 9.20 3.81 -10.25
C PRO B 30 9.93 4.79 -11.14
N VAL B 31 9.39 6.01 -11.24
CA VAL B 31 9.87 6.98 -12.22
C VAL B 31 11.36 7.24 -12.07
N VAL B 32 11.88 7.22 -10.84
CA VAL B 32 13.31 7.43 -10.62
C VAL B 32 14.11 6.32 -11.26
N ASP B 33 13.75 5.07 -10.98
CA ASP B 33 14.45 3.93 -11.58
C ASP B 33 14.15 3.83 -13.07
N PHE B 34 12.96 4.22 -13.51
CA PHE B 34 12.66 4.25 -14.93
C PHE B 34 13.57 5.22 -15.67
N ASN B 35 13.80 6.40 -15.10
CA ASN B 35 14.69 7.38 -15.73
C ASN B 35 16.12 6.87 -15.77
N GLU B 36 16.56 6.19 -14.71
CA GLU B 36 17.90 5.59 -14.71
C GLU B 36 18.03 4.56 -15.82
N MET B 37 17.00 3.72 -16.00
CA MET B 37 17.03 2.73 -17.08
C MET B 37 17.10 3.40 -18.44
N MET B 38 16.32 4.46 -18.64
CA MET B 38 16.31 5.18 -19.91
C MET B 38 17.61 5.93 -20.17
N SER B 39 18.41 6.16 -19.13
CA SER B 39 19.61 6.97 -19.27
C SER B 39 20.68 6.25 -20.08
N LYS B 40 21.63 7.04 -20.58
CA LYS B 40 22.78 6.53 -21.34
C LYS B 40 22.35 5.75 -22.58
N GLU B 41 21.20 6.11 -23.16
CA GLU B 41 20.70 5.45 -24.34
C GLU B 41 20.78 6.40 -25.55
N GLN B 42 20.06 6.06 -26.62
CA GLN B 42 20.14 6.81 -27.87
C GLN B 42 18.91 6.59 -28.72
N PHE B 43 17.78 6.31 -28.06
CA PHE B 43 16.54 5.97 -28.76
C PHE B 43 16.12 7.08 -29.72
N ASN B 44 15.63 6.68 -30.89
CA ASN B 44 15.03 7.63 -31.81
C ASN B 44 13.60 7.94 -31.37
N GLU B 45 12.93 8.81 -32.12
CA GLU B 45 11.59 9.22 -31.74
C GLU B 45 10.63 8.04 -31.73
N ALA B 46 10.80 7.09 -32.65
CA ALA B 46 9.90 5.94 -32.70
C ALA B 46 10.02 5.08 -31.46
N GLN B 47 11.26 4.85 -30.99
CA GLN B 47 11.47 4.04 -29.80
C GLN B 47 10.95 4.77 -28.55
N LEU B 48 11.20 6.07 -28.46
CA LEU B 48 10.72 6.82 -27.31
C LEU B 48 9.20 6.84 -27.25
N ALA B 49 8.55 7.02 -28.40
CA ALA B 49 7.09 7.07 -28.42
C ALA B 49 6.47 5.74 -28.03
N LEU B 50 7.04 4.63 -28.52
CA LEU B 50 6.52 3.32 -28.17
C LEU B 50 6.73 3.01 -26.69
N ILE B 51 7.90 3.36 -26.15
CA ILE B 51 8.15 3.17 -24.73
C ILE B 51 7.14 3.95 -23.91
N ARG B 52 6.93 5.22 -24.26
CA ARG B 52 5.95 6.04 -23.56
C ARG B 52 4.55 5.47 -23.70
N ASP B 53 4.22 4.95 -24.88
CA ASP B 53 2.90 4.36 -25.09
C ASP B 53 2.71 3.12 -24.24
N ILE B 54 3.74 2.27 -24.15
CA ILE B 54 3.62 1.04 -23.35
C ILE B 54 3.47 1.38 -21.87
N ARG B 55 4.25 2.34 -21.39
CA ARG B 55 4.18 2.71 -19.97
C ARG B 55 2.81 3.30 -19.63
N ARG B 56 2.32 4.23 -20.47
CA ARG B 56 1.05 4.88 -20.19
C ARG B 56 -0.10 3.87 -20.20
N ARG B 57 -0.15 3.01 -21.22
CA ARG B 57 -1.22 2.02 -21.29
C ARG B 57 -1.12 1.02 -20.14
N GLY B 58 0.10 0.62 -19.78
CA GLY B 58 0.26 -0.35 -18.71
C GLY B 58 -0.16 0.19 -17.36
N LYS B 59 0.13 1.47 -17.11
CA LYS B 59 -0.27 2.08 -15.84
C LYS B 59 -1.76 2.42 -15.83
N ASN B 60 -2.28 2.98 -16.93
CA ASN B 60 -3.68 3.34 -16.98
C ASN B 60 -4.58 2.12 -16.87
N LYS B 61 -4.12 0.97 -17.37
CA LYS B 61 -4.86 -0.28 -17.22
C LYS B 61 -5.17 -0.57 -15.76
N VAL B 62 -4.17 -0.35 -14.88
CA VAL B 62 -4.37 -0.63 -13.46
C VAL B 62 -5.25 0.43 -12.82
N TYR B 63 -5.09 1.70 -13.24
CA TYR B 63 -5.96 2.75 -12.73
C TYR B 63 -7.42 2.44 -13.00
N ALA B 64 -7.73 2.02 -14.23
CA ALA B 64 -9.10 1.65 -14.56
C ALA B 64 -9.56 0.46 -13.73
N GLN B 65 -8.67 -0.52 -13.51
CA GLN B 65 -8.99 -1.63 -12.64
C GLN B 65 -9.35 -1.15 -11.24
N ASN B 66 -8.49 -0.30 -10.66
CA ASN B 66 -8.75 0.20 -9.31
C ASN B 66 -9.99 1.08 -9.27
N CYS B 67 -10.22 1.85 -10.34
CA CYS B 67 -11.39 2.73 -10.38
C CYS B 67 -12.68 1.92 -10.42
N ARG B 68 -12.69 0.78 -11.11
CA ARG B 68 -13.87 -0.06 -11.15
C ARG B 68 -14.04 -0.87 -9.87
N LYS B 69 -12.94 -1.27 -9.24
CA LYS B 69 -13.03 -1.95 -7.95
C LYS B 69 -13.57 -1.02 -6.87
N ARG B 70 -13.18 0.26 -6.93
CA ARG B 70 -13.66 1.22 -5.94
C ARG B 70 -15.15 1.47 -6.10
N LYS B 71 -15.63 1.55 -7.33
CA LYS B 71 -17.07 1.73 -7.58
C LYS B 71 -17.88 0.61 -6.94
N LEU B 72 -17.41 -0.63 -7.10
CA LEU B 72 -18.12 -1.77 -6.52
C LEU B 72 -18.03 -1.75 -5.00
N GLU B 73 -16.85 -1.43 -4.46
CA GLU B 73 -16.70 -1.36 -3.01
C GLU B 73 -17.52 -0.24 -2.40
N ASN B 74 -17.66 0.87 -3.14
CA ASN B 74 -18.43 1.99 -2.63
C ASN B 74 -19.91 1.64 -2.49
N ILE B 75 -20.44 0.81 -3.40
CA ILE B 75 -21.83 0.39 -3.29
C ILE B 75 -22.02 -0.53 -2.09
N VAL B 76 -21.04 -1.40 -1.83
CA VAL B 76 -21.12 -2.28 -0.66
C VAL B 76 -21.10 -1.46 0.62
N GLU B 77 -20.24 -0.43 0.68
CA GLU B 77 -20.17 0.41 1.87
C GLU B 77 -21.45 1.21 2.06
N LEU B 78 -22.06 1.66 0.96
CA LEU B 78 -23.31 2.41 1.06
C LEU B 78 -24.44 1.53 1.59
N GLU B 79 -24.55 0.30 1.08
CA GLU B 79 -25.59 -0.60 1.56
C GLU B 79 -25.37 -0.98 3.01
N GLN B 80 -24.11 -1.06 3.45
CA GLN B 80 -23.84 -1.29 4.87
C GLN B 80 -24.22 -0.09 5.72
N ASP B 81 -23.94 1.12 5.22
CA ASP B 81 -24.34 2.33 5.93
C ASP B 81 -25.85 2.39 6.12
N LEU B 82 -26.61 2.04 5.08
CA LEU B 82 -28.05 1.99 5.20
C LEU B 82 -28.48 0.96 6.24
N ASP B 83 -27.81 -0.19 6.27
CA ASP B 83 -28.19 -1.24 7.20
C ASP B 83 -28.00 -0.80 8.65
N HIS B 84 -26.87 -0.15 8.95
CA HIS B 84 -26.63 0.30 10.32
C HIS B 84 -27.53 1.47 10.69
N LEU B 85 -27.78 2.38 9.74
CA LEU B 85 -28.62 3.54 10.03
C LEU B 85 -30.04 3.12 10.35
N LYS B 86 -30.56 2.12 9.64
CA LYS B 86 -31.89 1.59 9.97
C LYS B 86 -31.89 0.95 11.34
N ASP B 87 -30.79 0.28 11.71
CA ASP B 87 -30.69 -0.28 13.05
C ASP B 87 -30.56 0.82 14.11
N GLU B 88 -29.79 1.86 13.80
CA GLU B 88 -29.65 2.97 14.75
C GLU B 88 -30.95 3.73 14.90
N LYS B 89 -31.69 3.89 13.80
CA LYS B 89 -33.00 4.54 13.89
C LYS B 89 -33.96 3.71 14.73
N GLU B 90 -33.94 2.39 14.56
CA GLU B 90 -34.79 1.51 15.36
C GLU B 90 -34.38 1.55 16.83
N LYS B 91 -33.06 1.55 17.09
CA LYS B 91 -32.59 1.61 18.48
C LYS B 91 -32.93 2.94 19.14
N LEU B 92 -32.81 4.04 18.39
CA LEU B 92 -33.13 5.35 18.94
C LEU B 92 -34.62 5.48 19.21
N LEU B 93 -35.47 4.86 18.38
CA LEU B 93 -36.91 4.93 18.61
C LEU B 93 -37.30 4.16 19.86
N LYS B 94 -36.65 3.03 20.12
CA LYS B 94 -36.91 2.29 21.35
C LYS B 94 -36.53 3.14 22.56
N GLU B 95 -35.36 3.79 22.52
CA GLU B 95 -34.94 4.66 23.62
C GLU B 95 -35.92 5.81 23.81
N LYS B 96 -36.43 6.37 22.72
CA LYS B 96 -37.42 7.45 22.84
C LYS B 96 -38.71 6.93 23.47
N GLY B 97 -39.06 5.68 23.19
CA GLY B 97 -40.26 5.11 23.79
C GLY B 97 -40.13 4.90 25.29
N GLU B 98 -38.98 4.40 25.74
CA GLU B 98 -38.77 4.22 27.17
C GLU B 98 -38.74 5.57 27.89
N ASN B 99 -38.20 6.60 27.24
CA ASN B 99 -38.20 7.93 27.84
C ASN B 99 -39.61 8.52 27.84
N ASP B 100 -40.36 8.32 26.76
CA ASP B 100 -41.73 8.81 26.70
C ASP B 100 -42.62 8.08 27.71
N LYS B 101 -42.39 6.78 27.91
CA LYS B 101 -43.18 6.02 28.86
C LYS B 101 -42.82 6.40 30.30
N SER B 102 -41.55 6.72 30.56
CA SER B 102 -41.15 7.14 31.90
C SER B 102 -41.70 8.53 32.22
N LEU B 103 -41.61 9.45 31.26
CA LEU B 103 -42.19 10.78 31.46
C LEU B 103 -43.69 10.71 31.69
N HIS B 104 -44.38 9.83 30.96
CA HIS B 104 -45.81 9.65 31.16
C HIS B 104 -46.13 9.18 32.57
N LEU B 105 -45.44 8.14 33.03
CA LEU B 105 -45.69 7.60 34.36
C LEU B 105 -45.47 8.66 35.44
N LEU B 106 -44.41 9.46 35.29
CA LEU B 106 -44.15 10.53 36.25
C LEU B 106 -45.29 11.54 36.25
N LYS B 107 -45.69 12.01 35.06
CA LYS B 107 -46.77 12.99 34.98
C LYS B 107 -48.09 12.41 35.48
N LYS B 108 -48.32 11.11 35.23
CA LYS B 108 -49.53 10.46 35.76
C LYS B 108 -49.52 10.47 37.29
N GLN B 109 -48.41 10.02 37.88
CA GLN B 109 -48.22 9.98 39.33
C GLN B 109 -48.61 11.31 39.96
N LEU B 110 -48.18 12.41 39.32
CA LEU B 110 -48.60 13.75 39.71
C LEU B 110 -49.98 14.02 39.15
N SER B 111 -50.05 14.80 38.07
CA SER B 111 -51.27 15.00 37.31
C SER B 111 -51.00 15.73 35.99
N GLU E 8 24.04 -21.34 30.24
CA GLU E 8 24.95 -22.05 29.34
C GLU E 8 24.72 -23.55 29.40
N GLU E 9 25.08 -24.14 30.54
CA GLU E 9 24.97 -25.58 30.73
C GLU E 9 23.62 -26.11 30.26
N LEU E 10 22.54 -25.43 30.63
CA LEU E 10 21.21 -25.87 30.23
C LEU E 10 21.02 -25.76 28.72
N VAL E 11 21.45 -24.65 28.12
CA VAL E 11 21.16 -24.43 26.71
C VAL E 11 21.95 -25.39 25.82
N THR E 12 23.12 -25.85 26.28
CA THR E 12 23.91 -26.79 25.50
C THR E 12 23.54 -28.24 25.76
N MET E 13 22.77 -28.51 26.81
CA MET E 13 22.32 -29.88 27.06
C MET E 13 21.40 -30.36 25.94
N SER E 14 21.40 -31.68 25.74
CA SER E 14 20.54 -32.30 24.76
C SER E 14 19.20 -32.67 25.39
N VAL E 15 18.31 -33.26 24.59
CA VAL E 15 17.03 -33.71 25.11
C VAL E 15 17.24 -34.83 26.12
N ARG E 16 18.25 -35.67 25.88
CA ARG E 16 18.54 -36.77 26.81
C ARG E 16 18.98 -36.24 28.17
N GLU E 17 19.80 -35.18 28.17
CA GLU E 17 20.23 -34.60 29.44
C GLU E 17 19.08 -33.88 30.13
N LEU E 18 18.14 -33.32 29.38
CA LEU E 18 16.99 -32.65 29.99
C LEU E 18 16.09 -33.67 30.68
N ASN E 19 15.78 -34.78 30.00
CA ASN E 19 14.93 -35.80 30.61
C ASN E 19 15.62 -36.49 31.79
N GLN E 20 16.96 -36.50 31.79
CA GLN E 20 17.68 -37.09 32.93
C GLN E 20 17.53 -36.22 34.17
N HIS E 21 17.68 -34.91 34.03
CA HIS E 21 17.49 -34.00 35.15
C HIS E 21 16.01 -33.75 35.45
N LEU E 22 15.10 -34.11 34.55
CA LEU E 22 13.68 -33.90 34.79
C LEU E 22 13.06 -34.99 35.66
N ARG E 23 13.71 -36.14 35.80
CA ARG E 23 13.21 -37.23 36.62
C ARG E 23 13.28 -36.82 38.09
N GLY E 24 12.15 -36.36 38.63
CA GLY E 24 12.11 -35.94 40.01
C GLY E 24 12.02 -34.44 40.17
N LEU E 25 10.85 -33.87 39.85
CA LEU E 25 10.63 -32.44 39.98
C LEU E 25 9.13 -32.18 40.02
N SER E 26 8.78 -31.03 40.58
CA SER E 26 7.37 -30.63 40.62
C SER E 26 6.83 -30.41 39.21
N LYS E 27 5.51 -30.54 39.08
CA LYS E 27 4.88 -30.33 37.78
C LYS E 27 5.09 -28.90 37.28
N GLU E 28 5.05 -27.93 38.20
CA GLU E 28 5.29 -26.55 37.82
C GLU E 28 6.77 -26.23 37.75
N GLU E 29 7.59 -26.94 38.53
CA GLU E 29 9.04 -26.87 38.36
C GLU E 29 9.44 -27.30 36.96
N ILE E 30 8.84 -28.38 36.46
CA ILE E 30 9.10 -28.82 35.08
C ILE E 30 8.75 -27.70 34.11
N VAL E 31 7.65 -26.99 34.36
CA VAL E 31 7.27 -25.89 33.48
C VAL E 31 8.28 -24.75 33.60
N GLN E 32 8.82 -24.53 34.79
CA GLN E 32 9.80 -23.47 34.99
C GLN E 32 11.06 -23.72 34.17
N LEU E 33 11.64 -24.91 34.31
CA LEU E 33 12.86 -25.24 33.57
C LEU E 33 12.61 -25.22 32.06
N LYS E 34 11.43 -25.68 31.63
CA LYS E 34 11.09 -25.61 30.21
C LYS E 34 11.06 -24.17 29.72
N GLN E 35 10.52 -23.26 30.54
CA GLN E 35 10.46 -21.86 30.15
C GLN E 35 11.85 -21.22 30.16
N ARG E 36 12.68 -21.58 31.15
CA ARG E 36 14.05 -21.09 31.16
C ARG E 36 14.82 -21.58 29.94
N ARG E 37 14.54 -22.81 29.50
CA ARG E 37 15.15 -23.31 28.27
C ARG E 37 14.71 -22.50 27.06
N ARG E 38 13.39 -22.34 26.90
CA ARG E 38 12.86 -21.58 25.78
C ARG E 38 13.40 -20.15 25.76
N THR E 39 13.59 -19.56 26.94
CA THR E 39 14.13 -18.21 27.02
C THR E 39 15.60 -18.19 26.61
N LEU E 40 16.40 -19.12 27.13
CA LEU E 40 17.80 -19.19 26.76
C LEU E 40 17.98 -19.50 25.28
N LYS E 41 17.11 -20.37 24.75
CA LYS E 41 17.14 -20.64 23.31
C LYS E 41 16.73 -19.39 22.52
N ASN E 42 15.73 -18.65 23.01
CA ASN E 42 15.30 -17.44 22.33
C ASN E 42 16.42 -16.42 22.25
N ARG E 43 17.29 -16.38 23.27
CA ARG E 43 18.44 -15.48 23.23
C ARG E 43 19.38 -15.84 22.10
N GLY E 44 19.69 -17.13 21.95
CA GLY E 44 20.52 -17.56 20.85
C GLY E 44 19.85 -17.36 19.49
N TYR E 45 18.52 -17.52 19.45
CA TYR E 45 17.80 -17.29 18.20
C TYR E 45 17.91 -15.85 17.75
N ALA E 46 17.77 -14.90 18.70
CA ALA E 46 17.88 -13.49 18.36
C ALA E 46 19.31 -13.14 17.96
N ALA E 47 20.30 -13.74 18.61
CA ALA E 47 21.69 -13.45 18.28
C ALA E 47 22.01 -13.82 16.83
N SER E 48 21.60 -15.02 16.41
CA SER E 48 21.83 -15.43 15.03
C SER E 48 21.02 -14.58 14.05
N CYS E 49 19.85 -14.09 14.47
CA CYS E 49 19.09 -13.19 13.62
C CYS E 49 19.83 -11.87 13.42
N ARG E 50 20.52 -11.39 14.44
CA ARG E 50 21.34 -10.20 14.29
C ARG E 50 22.54 -10.45 13.39
N VAL E 51 23.18 -11.62 13.54
CA VAL E 51 24.29 -11.99 12.67
C VAL E 51 23.80 -12.11 11.23
N LYS E 52 22.59 -12.64 11.04
CA LYS E 52 22.03 -12.75 9.70
C LYS E 52 21.84 -11.39 9.05
N ARG E 53 21.36 -10.40 9.83
CA ARG E 53 21.15 -9.07 9.28
C ARG E 53 22.49 -8.41 8.93
N VAL E 54 23.52 -8.64 9.75
CA VAL E 54 24.83 -8.08 9.45
C VAL E 54 25.42 -8.75 8.20
N THR E 55 25.22 -10.06 8.08
CA THR E 55 25.74 -10.78 6.91
C THR E 55 25.06 -10.30 5.63
N GLN E 56 23.75 -10.07 5.68
CA GLN E 56 23.03 -9.59 4.51
C GLN E 56 23.57 -8.24 4.05
N LYS E 57 23.76 -7.31 4.98
CA LYS E 57 24.27 -5.99 4.63
C LYS E 57 25.68 -6.09 4.06
N GLU E 58 26.54 -6.92 4.66
CA GLU E 58 27.91 -7.05 4.16
C GLU E 58 27.93 -7.65 2.77
N GLU E 59 27.02 -8.59 2.49
CA GLU E 59 26.97 -9.18 1.16
C GLU E 59 26.54 -8.15 0.12
N LEU E 60 25.61 -7.25 0.48
CA LEU E 60 25.20 -6.20 -0.44
C LEU E 60 26.34 -5.24 -0.71
N GLU E 61 27.12 -4.90 0.31
CA GLU E 61 28.26 -4.01 0.12
C GLU E 61 29.38 -4.68 -0.66
N LYS E 62 29.55 -6.00 -0.49
CA LYS E 62 30.51 -6.72 -1.30
C LYS E 62 30.11 -6.72 -2.77
N GLN E 63 28.83 -6.91 -3.05
CA GLN E 63 28.34 -6.88 -4.43
C GLN E 63 28.44 -5.46 -5.00
N LYS E 64 28.17 -4.45 -4.17
CA LYS E 64 28.23 -3.07 -4.65
C LYS E 64 29.65 -2.67 -5.01
N ALA E 65 30.61 -2.98 -4.14
CA ALA E 65 32.01 -2.70 -4.45
C ALA E 65 32.47 -3.49 -5.67
N GLU E 66 31.96 -4.73 -5.82
CA GLU E 66 32.31 -5.54 -6.97
C GLU E 66 31.81 -4.91 -8.26
N LEU E 67 30.53 -4.53 -8.29
CA LEU E 67 29.94 -3.97 -9.50
C LEU E 67 30.58 -2.63 -9.87
N GLN E 68 30.91 -1.83 -8.87
CA GLN E 68 31.55 -0.54 -9.13
C GLN E 68 32.89 -0.72 -9.83
N GLN E 69 33.63 -1.77 -9.47
CA GLN E 69 34.92 -2.02 -10.11
C GLN E 69 34.74 -2.51 -11.54
N GLU E 70 33.69 -3.29 -11.81
CA GLU E 70 33.50 -3.84 -13.14
C GLU E 70 33.03 -2.77 -14.13
N VAL E 71 32.14 -1.87 -13.69
CA VAL E 71 31.67 -0.83 -14.60
C VAL E 71 32.78 0.19 -14.86
N GLU E 72 33.65 0.43 -13.88
CA GLU E 72 34.79 1.31 -14.12
C GLU E 72 35.77 0.66 -15.10
N LYS E 73 35.99 -0.64 -14.96
CA LYS E 73 36.89 -1.37 -15.86
C LYS E 73 36.31 -1.42 -17.27
N LEU E 74 35.02 -1.74 -17.38
CA LEU E 74 34.38 -1.86 -18.68
C LEU E 74 34.35 -0.52 -19.41
N ALA E 75 34.07 0.56 -18.69
CA ALA E 75 34.02 1.87 -19.32
C ALA E 75 35.38 2.30 -19.84
N SER E 76 36.44 1.97 -19.11
CA SER E 76 37.79 2.30 -19.57
C SER E 76 38.19 1.45 -20.76
N GLU E 77 37.82 0.17 -20.75
CA GLU E 77 38.14 -0.71 -21.87
C GLU E 77 37.39 -0.31 -23.13
N ASN E 78 36.09 0.00 -23.00
CA ASN E 78 35.30 0.37 -24.16
C ASN E 78 35.81 1.65 -24.80
N ALA E 79 36.30 2.59 -23.99
CA ALA E 79 36.78 3.85 -24.53
C ALA E 79 38.08 3.66 -25.30
N SER E 80 39.05 2.96 -24.71
CA SER E 80 40.32 2.74 -25.40
C SER E 80 40.15 1.83 -26.61
N MET E 81 39.27 0.85 -26.52
CA MET E 81 39.04 -0.05 -27.66
C MET E 81 38.31 0.67 -28.78
N LYS E 82 37.40 1.58 -28.44
CA LYS E 82 36.72 2.36 -29.47
C LYS E 82 37.70 3.23 -30.24
N LEU E 83 38.75 3.71 -29.59
CA LEU E 83 39.77 4.50 -30.27
C LEU E 83 40.52 3.67 -31.29
N GLU E 84 40.87 2.43 -30.93
CA GLU E 84 41.56 1.55 -31.86
C GLU E 84 40.63 1.12 -33.00
N LEU E 85 39.37 0.83 -32.67
CA LEU E 85 38.43 0.41 -33.70
C LEU E 85 38.17 1.54 -34.70
N ASP E 86 38.14 2.78 -34.23
CA ASP E 86 38.00 3.91 -35.15
C ASP E 86 39.23 4.06 -36.03
N ALA E 87 40.42 3.82 -35.47
CA ALA E 87 41.65 3.91 -36.25
C ALA E 87 41.74 2.78 -37.26
N LEU E 88 41.34 1.57 -36.86
CA LEU E 88 41.37 0.44 -37.79
C LEU E 88 40.37 0.65 -38.93
N ARG E 89 39.18 1.15 -38.62
CA ARG E 89 38.20 1.43 -39.66
C ARG E 89 38.68 2.54 -40.58
N SER E 90 39.38 3.54 -40.04
CA SER E 90 39.90 4.62 -40.85
C SER E 90 41.00 4.14 -41.78
N LYS E 91 41.89 3.28 -41.27
CA LYS E 91 42.96 2.74 -42.12
C LYS E 91 42.40 1.78 -43.16
N TYR E 92 41.37 1.01 -42.80
CA TYR E 92 40.71 0.17 -43.79
C TYR E 92 40.08 1.01 -44.89
N GLU E 93 39.49 2.15 -44.52
CA GLU E 93 38.83 2.99 -45.52
C GLU E 93 39.84 3.63 -46.46
N ALA E 94 41.01 4.02 -45.96
CA ALA E 94 42.06 4.53 -46.83
C ALA E 94 42.60 3.45 -47.76
N LEU E 95 42.42 2.18 -47.41
CA LEU E 95 42.96 1.10 -48.22
C LEU E 95 42.00 0.72 -49.35
N GLN E 96 40.70 0.61 -49.07
CA GLN E 96 39.74 0.35 -50.14
C GLN E 96 39.77 1.44 -51.19
N THR E 97 39.89 2.70 -50.76
CA THR E 97 40.00 3.80 -51.71
C THR E 97 41.23 3.65 -52.59
N PHE E 98 42.37 3.30 -51.98
CA PHE E 98 43.58 3.09 -52.77
C PHE E 98 43.44 1.88 -53.68
N ALA E 99 42.75 0.82 -53.21
CA ALA E 99 42.60 -0.37 -54.04
C ALA E 99 41.68 -0.10 -55.24
N ARG E 100 40.79 0.89 -55.13
CA ARG E 100 39.91 1.24 -56.24
C ARG E 100 40.64 1.95 -57.37
N THR E 101 41.92 2.28 -57.21
CA THR E 101 42.70 2.94 -58.23
C THR E 101 43.82 2.08 -58.79
N VAL E 102 44.02 0.88 -58.26
CA VAL E 102 45.07 -0.01 -58.74
C VAL E 102 44.59 -0.78 -59.96
N THR F 8 -2.85 -0.86 27.95
CA THR F 8 -1.46 -1.27 28.01
C THR F 8 -1.06 -1.64 29.44
N ARG F 9 0.20 -2.04 29.62
CA ARG F 9 0.70 -2.37 30.96
C ARG F 9 0.95 -1.12 31.79
N ASP F 10 1.47 -0.06 31.17
CA ASP F 10 1.76 1.17 31.89
C ASP F 10 0.48 1.89 32.31
N GLU F 11 -0.58 1.80 31.51
CA GLU F 11 -1.85 2.41 31.89
C GLU F 11 -2.41 1.73 33.14
N LEU F 12 -2.25 0.41 33.24
CA LEU F 12 -2.67 -0.29 34.45
C LEU F 12 -1.73 0.00 35.62
N ARG F 13 -0.44 0.20 35.34
CA ARG F 13 0.50 0.53 36.41
C ARG F 13 0.28 1.95 36.92
N ALA F 14 -0.18 2.86 36.06
CA ALA F 14 -0.45 4.23 36.49
C ALA F 14 -1.75 4.32 37.29
N LYS F 15 -2.78 3.58 36.87
CA LYS F 15 -4.02 3.53 37.62
C LYS F 15 -3.86 2.86 38.97
N ALA F 16 -2.86 2.00 39.14
CA ALA F 16 -2.65 1.35 40.42
C ALA F 16 -2.09 2.31 41.46
N LEU F 17 -1.23 3.24 41.03
CA LEU F 17 -0.65 4.23 41.93
C LEU F 17 -1.38 5.57 41.87
N HIS F 18 -2.54 5.62 41.20
CA HIS F 18 -3.40 6.80 41.16
C HIS F 18 -2.67 8.02 40.59
N ILE F 19 -2.27 7.90 39.32
CA ILE F 19 -1.67 9.00 38.58
C ILE F 19 -2.79 9.70 37.81
N PRO F 20 -3.11 10.95 38.12
CA PRO F 20 -4.16 11.68 37.40
C PRO F 20 -3.70 12.23 36.07
N PHE F 21 -3.12 11.36 35.24
CA PHE F 21 -2.55 11.77 33.98
C PHE F 21 -2.70 10.65 32.95
N PRO F 22 -3.03 10.98 31.71
CA PRO F 22 -3.03 9.96 30.65
C PRO F 22 -1.60 9.64 30.23
N VAL F 23 -1.35 8.34 30.03
CA VAL F 23 0.00 7.88 29.72
C VAL F 23 0.53 8.56 28.46
N GLU F 24 -0.34 8.76 27.47
CA GLU F 24 0.06 9.42 26.23
C GLU F 24 0.65 10.80 26.50
N LYS F 25 -0.02 11.58 27.34
CA LYS F 25 0.48 12.92 27.66
C LYS F 25 1.85 12.86 28.33
N ILE F 26 2.07 11.85 29.18
CA ILE F 26 3.37 11.69 29.83
C ILE F 26 4.47 11.52 28.78
N ILE F 27 4.17 10.83 27.69
CA ILE F 27 5.16 10.54 26.66
C ILE F 27 5.27 11.66 25.64
N ASN F 28 4.14 12.12 25.10
CA ASN F 28 4.14 12.96 23.92
C ASN F 28 4.29 14.46 24.23
N LEU F 29 4.02 14.89 25.45
CA LEU F 29 4.10 16.31 25.76
C LEU F 29 5.54 16.79 25.66
N PRO F 30 5.79 17.94 25.03
CA PRO F 30 7.13 18.54 25.05
C PRO F 30 7.65 18.70 26.48
N VAL F 31 8.97 18.82 26.63
CA VAL F 31 9.57 18.85 27.95
C VAL F 31 9.06 20.04 28.76
N VAL F 32 8.83 21.17 28.09
CA VAL F 32 8.33 22.36 28.80
C VAL F 32 6.94 22.12 29.35
N ASP F 33 6.02 21.70 28.49
CA ASP F 33 4.65 21.43 28.94
C ASP F 33 4.61 20.27 29.93
N PHE F 34 5.52 19.30 29.79
CA PHE F 34 5.58 18.22 30.77
C PHE F 34 6.02 18.73 32.13
N ASN F 35 6.94 19.70 32.15
CA ASN F 35 7.40 20.24 33.43
C ASN F 35 6.34 21.09 34.10
N GLU F 36 5.68 21.96 33.33
CA GLU F 36 4.62 22.79 33.89
C GLU F 36 3.44 21.94 34.36
N MET F 37 3.14 20.86 33.63
CA MET F 37 2.08 19.97 34.06
C MET F 37 2.50 19.15 35.28
N MET F 38 3.79 18.82 35.39
CA MET F 38 4.28 18.12 36.57
C MET F 38 4.22 19.01 37.80
N SER F 39 4.71 20.24 37.67
CA SER F 39 4.74 21.16 38.82
C SER F 39 3.34 21.48 39.32
N LYS F 40 2.33 21.43 38.45
CA LYS F 40 0.96 21.77 38.84
C LYS F 40 0.40 20.84 39.91
N GLU F 41 1.01 19.67 40.13
CA GLU F 41 0.51 18.72 41.13
C GLU F 41 1.72 18.12 41.83
N GLN F 42 1.47 17.11 42.66
CA GLN F 42 2.53 16.45 43.42
C GLN F 42 2.13 15.00 43.67
N PHE F 43 3.14 14.13 43.77
CA PHE F 43 2.92 12.69 43.88
C PHE F 43 4.01 12.08 44.73
N ASN F 44 3.81 10.80 45.07
CA ASN F 44 4.80 10.04 45.82
C ASN F 44 6.07 9.85 44.98
N GLU F 45 7.20 9.67 45.68
CA GLU F 45 8.44 9.40 44.97
C GLU F 45 8.32 8.15 44.11
N ALA F 46 7.67 7.11 44.62
CA ALA F 46 7.44 5.91 43.83
C ALA F 46 6.65 6.24 42.57
N GLN F 47 5.65 7.11 42.68
CA GLN F 47 4.97 7.61 41.49
C GLN F 47 5.95 8.29 40.55
N LEU F 48 6.60 9.35 41.02
CA LEU F 48 7.55 10.13 40.22
C LEU F 48 8.50 9.25 39.43
N ALA F 49 8.98 8.16 40.05
CA ALA F 49 9.84 7.21 39.33
C ALA F 49 9.06 6.48 38.24
N LEU F 50 7.79 6.17 38.50
CA LEU F 50 6.96 5.48 37.51
C LEU F 50 6.64 6.41 36.34
N ILE F 51 6.41 7.71 36.61
CA ILE F 51 6.24 8.66 35.52
C ILE F 51 7.50 8.77 34.67
N ARG F 52 8.67 8.79 35.31
CA ARG F 52 9.93 8.88 34.57
C ARG F 52 10.14 7.66 33.69
N ASP F 53 9.75 6.49 34.17
CA ASP F 53 9.90 5.27 33.37
C ASP F 53 8.97 5.30 32.17
N ILE F 54 7.72 5.70 32.38
CA ILE F 54 6.75 5.73 31.27
C ILE F 54 7.22 6.69 30.18
N ARG F 55 7.67 7.87 30.56
CA ARG F 55 8.15 8.84 29.58
C ARG F 55 9.38 8.31 28.86
N ARG F 56 10.32 7.72 29.58
CA ARG F 56 11.53 7.19 28.95
C ARG F 56 11.20 6.01 28.05
N ARG F 57 10.41 5.06 28.54
CA ARG F 57 10.06 3.88 27.75
C ARG F 57 9.29 4.26 26.50
N GLY F 58 8.31 5.16 26.63
CA GLY F 58 7.54 5.58 25.48
C GLY F 58 8.38 6.30 24.44
N LYS F 59 9.34 7.10 24.89
CA LYS F 59 10.22 7.79 23.96
C LYS F 59 11.24 6.84 23.36
N ASN F 60 11.77 5.91 24.16
CA ASN F 60 12.76 4.98 23.66
C ASN F 60 12.15 3.96 22.70
N LYS F 61 10.87 3.62 22.89
CA LYS F 61 10.25 2.62 22.02
C LYS F 61 10.14 3.11 20.59
N VAL F 62 10.02 4.43 20.38
CA VAL F 62 9.96 4.94 19.01
C VAL F 62 11.36 5.20 18.47
N TYR F 63 12.34 5.46 19.34
CA TYR F 63 13.72 5.52 18.89
C TYR F 63 14.18 4.17 18.36
N ALA F 64 13.71 3.08 18.99
CA ALA F 64 14.00 1.75 18.50
C ALA F 64 13.36 1.50 17.14
N GLN F 65 12.11 1.95 16.97
CA GLN F 65 11.47 1.87 15.66
C GLN F 65 12.24 2.65 14.61
N ASN F 66 12.68 3.87 14.97
CA ASN F 66 13.46 4.68 14.03
C ASN F 66 14.77 3.99 13.68
N CYS F 67 15.41 3.36 14.65
CA CYS F 67 16.68 2.69 14.39
C CYS F 67 16.49 1.48 13.49
N ARG F 68 15.39 0.74 13.67
CA ARG F 68 15.15 -0.43 12.83
C ARG F 68 14.72 -0.03 11.43
N LYS F 69 13.90 1.02 11.31
CA LYS F 69 13.51 1.51 9.99
C LYS F 69 14.72 2.02 9.22
N ARG F 70 15.66 2.66 9.91
CA ARG F 70 16.88 3.12 9.27
C ARG F 70 17.69 1.96 8.73
N LYS F 71 17.76 0.86 9.49
CA LYS F 71 18.47 -0.33 9.01
C LYS F 71 17.82 -0.89 7.75
N LEU F 72 16.49 -0.99 7.76
CA LEU F 72 15.79 -1.53 6.59
C LEU F 72 15.95 -0.62 5.38
N GLU F 73 15.89 0.69 5.59
CA GLU F 73 16.02 1.62 4.47
C GLU F 73 17.42 1.59 3.87
N ASN F 74 18.44 1.35 4.70
CA ASN F 74 19.80 1.23 4.16
C ASN F 74 19.94 0.02 3.26
N ILE F 75 19.24 -1.07 3.60
CA ILE F 75 19.25 -2.25 2.73
C ILE F 75 18.53 -1.95 1.43
N VAL F 76 17.39 -1.26 1.51
CA VAL F 76 16.65 -0.88 0.30
C VAL F 76 17.52 0.00 -0.59
N GLU F 77 18.23 0.96 0.01
CA GLU F 77 19.10 1.84 -0.76
C GLU F 77 20.24 1.06 -1.41
N LEU F 78 20.80 0.09 -0.70
CA LEU F 78 21.86 -0.74 -1.27
C LEU F 78 21.34 -1.56 -2.43
N GLU F 79 20.12 -2.12 -2.30
CA GLU F 79 19.53 -2.89 -3.39
C GLU F 79 19.31 -2.01 -4.62
N GLN F 80 18.85 -0.77 -4.41
CA GLN F 80 18.66 0.13 -5.53
C GLN F 80 19.98 0.49 -6.20
N ASP F 81 21.04 0.64 -5.41
CA ASP F 81 22.36 0.87 -5.97
C ASP F 81 22.81 -0.32 -6.82
N LEU F 82 22.53 -1.54 -6.36
CA LEU F 82 22.88 -2.73 -7.12
C LEU F 82 22.13 -2.77 -8.45
N ASP F 83 20.82 -2.47 -8.41
CA ASP F 83 20.03 -2.47 -9.64
C ASP F 83 20.58 -1.46 -10.63
N HIS F 84 20.97 -0.27 -10.15
CA HIS F 84 21.49 0.75 -11.05
C HIS F 84 22.85 0.37 -11.60
N LEU F 85 23.74 -0.14 -10.74
CA LEU F 85 25.06 -0.56 -11.21
C LEU F 85 24.96 -1.72 -12.19
N LYS F 86 24.09 -2.70 -11.90
CA LYS F 86 23.86 -3.78 -12.85
C LYS F 86 23.31 -3.25 -14.17
N ASP F 87 22.54 -2.17 -14.13
CA ASP F 87 22.03 -1.56 -15.34
C ASP F 87 23.17 -1.00 -16.19
N GLU F 88 24.09 -0.26 -15.56
CA GLU F 88 25.22 0.30 -16.30
C GLU F 88 26.13 -0.80 -16.82
N LYS F 89 26.33 -1.87 -16.05
CA LYS F 89 27.19 -2.96 -16.50
C LYS F 89 26.60 -3.63 -17.74
N GLU F 90 25.28 -3.84 -17.76
CA GLU F 90 24.66 -4.44 -18.93
C GLU F 90 24.78 -3.54 -20.15
N LYS F 91 24.64 -2.22 -19.96
CA LYS F 91 24.78 -1.30 -21.07
C LYS F 91 26.22 -1.26 -21.58
N LEU F 92 27.20 -1.39 -20.68
CA LEU F 92 28.59 -1.41 -21.09
C LEU F 92 28.93 -2.72 -21.79
N LEU F 93 28.40 -3.85 -21.29
CA LEU F 93 28.64 -5.12 -21.95
C LEU F 93 28.01 -5.17 -23.34
N LYS F 94 26.83 -4.55 -23.49
CA LYS F 94 26.21 -4.47 -24.80
C LYS F 94 27.05 -3.65 -25.76
N GLU F 95 27.61 -2.54 -25.27
CA GLU F 95 28.52 -1.73 -26.09
C GLU F 95 29.77 -2.51 -26.47
N LYS F 96 30.32 -3.27 -25.53
CA LYS F 96 31.51 -4.07 -25.82
C LYS F 96 31.23 -5.12 -26.88
N GLY F 97 30.07 -5.77 -26.80
CA GLY F 97 29.73 -6.78 -27.79
C GLY F 97 29.55 -6.22 -29.19
N GLU F 98 29.03 -4.99 -29.28
CA GLU F 98 28.88 -4.37 -30.60
C GLU F 98 30.22 -3.96 -31.17
N ASN F 99 31.12 -3.44 -30.32
CA ASN F 99 32.48 -3.15 -30.78
C ASN F 99 33.22 -4.43 -31.11
N ASP F 100 32.97 -5.50 -30.35
CA ASP F 100 33.59 -6.79 -30.64
C ASP F 100 33.09 -7.34 -31.97
N LYS F 101 31.78 -7.23 -32.24
CA LYS F 101 31.23 -7.72 -33.49
C LYS F 101 31.74 -6.91 -34.67
N SER F 102 31.82 -5.58 -34.52
CA SER F 102 32.38 -4.75 -35.58
C SER F 102 33.86 -5.05 -35.80
N LEU F 103 34.57 -5.45 -34.75
CA LEU F 103 35.98 -5.80 -34.89
C LEU F 103 36.14 -7.13 -35.61
N HIS F 104 35.32 -8.13 -35.25
CA HIS F 104 35.39 -9.41 -35.93
C HIS F 104 34.89 -9.32 -37.37
N LEU F 105 33.96 -8.41 -37.63
CA LEU F 105 33.51 -8.20 -39.01
C LEU F 105 34.64 -7.67 -39.88
N LEU F 106 35.47 -6.77 -39.32
CA LEU F 106 36.60 -6.24 -40.08
C LEU F 106 37.74 -7.23 -40.20
N LYS F 107 37.95 -8.06 -39.18
CA LYS F 107 39.01 -9.06 -39.25
C LYS F 107 38.70 -10.14 -40.28
N LYS F 108 37.43 -10.49 -40.44
CA LYS F 108 37.05 -11.45 -41.49
C LYS F 108 37.28 -10.88 -42.87
N GLN F 109 37.00 -9.59 -43.07
CA GLN F 109 37.35 -8.92 -44.31
C GLN F 109 38.84 -8.67 -44.46
N LEU F 110 39.64 -9.03 -43.45
CA LEU F 110 41.08 -8.90 -43.51
C LEU F 110 41.81 -10.23 -43.38
N SER F 111 41.07 -11.34 -43.31
CA SER F 111 41.66 -12.67 -43.13
C SER F 111 42.52 -12.73 -41.87
#